data_6KRN
#
_entry.id   6KRN
#
_cell.length_a   63.251
_cell.length_b   78.700
_cell.length_c   118.418
_cell.angle_alpha   90.000
_cell.angle_beta   90.000
_cell.angle_gamma   90.000
#
_symmetry.space_group_name_H-M   'P 21 21 21'
#
loop_
_entity.id
_entity.type
_entity.pdbx_description
1 polymer 'Mating factor alpha,GH30 Xylanase B'
2 branched 2-acetamido-2-deoxy-beta-D-glucopyranose-(1-4)-2-acetamido-2-deoxy-beta-D-glucopyranose
3 branched alpha-D-mannopyranose-(1-3)-alpha-D-mannopyranose-(1-6)-beta-D-mannopyranose-(1-4)-2-acetamido-2-deoxy-beta-D-glucopyranose-(1-4)-2-acetamido-2-deoxy-beta-D-glucopyranose
4 branched '4-O-methyl-alpha-D-glucopyranuronic acid-(1-2)-beta-D-xylopyranose-(1-4)-beta-D-xylopyranose'
5 branched beta-D-mannopyranose-(1-4)-2-acetamido-2-deoxy-beta-D-glucopyranose-(1-4)-2-acetamido-2-deoxy-beta-D-glucopyranose
6 water water
#
_entity_poly.entity_id   1
_entity_poly.type   'polypeptide(L)'
_entity_poly.pdbx_seq_one_letter_code
;MRFPSIFTAVLFAASSALAAPVNTTTEDETAQIPAEAVIGYSDLEGDFDVAVLPFSNSTNNGLLFINTTIASIAAKEEGV
SLEKREAEAYVEFQINVDLQARYQSVDGFGCSQAFQRAEDIFGKYGLSPKNQSYVLDLMYSEERGAGFTILRNGIGSSNS
STSNLMNSIEPFSPGSPSSTPNYTWDHYNSGQFPLSQQARARGLPYIYADAWSAPGYMKTNQDENWSGFLCGIEGETCPS
GDWRQAYADYLVQYVKFYAESGVPVTHLGFLNEPQEVVSYASMGSNGTQAAEFVKILGQTLEREGIDIELTCCDGVGWSE
QEAMIPGLQVVGPDGKSAEDYLSVVTGHGYSSAPTFPLSTKRRTWLTEWTDLSGAFTPYTFFADGGAGEGMTWANHIQTA
FVNANVSAFIYWIGAENSTTNSGMINLINDEVIPSKRFWSMASFSKFVRPNAQRVKATSSDASVTVSAFENTNGVVAIQV
INNGTSAASLTIDLGKTHKEVKKVVPWVTSNDYDLEEMSEIDVKHNSFLASVPARSLTSFVTECE
;
_entity_poly.pdbx_strand_id   A
#
loop_
_chem_comp.id
_chem_comp.type
_chem_comp.name
_chem_comp.formula
BMA D-saccharide, beta linking beta-D-mannopyranose 'C6 H12 O6'
GCV D-saccharide, alpha linking '4-O-methyl-alpha-D-glucopyranuronic acid' 'C7 H12 O7'
MAN D-saccharide, alpha linking alpha-D-mannopyranose 'C6 H12 O6'
NAG D-saccharide, beta linking 2-acetamido-2-deoxy-beta-D-glucopyranose 'C8 H15 N O6'
XYP D-saccharide, beta linking beta-D-xylopyranose 'C5 H10 O5'
#
# COMPACT_ATOMS: atom_id res chain seq x y z
N ALA A 89 37.94 -4.93 -20.36
CA ALA A 89 37.80 -3.93 -19.29
C ALA A 89 37.45 -4.59 -17.96
N TYR A 90 38.00 -4.05 -16.88
CA TYR A 90 37.79 -4.60 -15.55
C TYR A 90 36.42 -4.20 -15.01
N VAL A 91 35.75 -5.14 -14.36
CA VAL A 91 34.39 -4.94 -13.85
C VAL A 91 34.35 -5.42 -12.40
N GLU A 92 34.31 -4.46 -11.46
CA GLU A 92 34.15 -4.79 -10.05
C GLU A 92 32.81 -5.49 -9.79
N PHE A 93 31.71 -4.81 -10.14
CA PHE A 93 30.35 -5.33 -9.95
C PHE A 93 29.60 -5.24 -11.27
N GLN A 94 29.02 -6.35 -11.69
CA GLN A 94 28.26 -6.42 -12.93
C GLN A 94 26.77 -6.54 -12.62
N ILE A 95 25.99 -5.60 -13.14
CA ILE A 95 24.52 -5.65 -13.08
C ILE A 95 24.00 -5.83 -14.48
N ASN A 96 23.11 -6.80 -14.66
CA ASN A 96 22.50 -7.09 -15.96
C ASN A 96 20.99 -6.92 -15.87
N VAL A 97 20.42 -6.12 -16.78
CA VAL A 97 18.98 -5.91 -16.87
C VAL A 97 18.53 -6.49 -18.20
N ASP A 98 17.44 -7.27 -18.17
CA ASP A 98 16.93 -7.93 -19.37
C ASP A 98 15.45 -7.57 -19.52
N LEU A 99 15.17 -6.59 -20.39
CA LEU A 99 13.81 -6.16 -20.64
C LEU A 99 12.97 -7.22 -21.35
N GLN A 100 13.58 -8.30 -21.83
CA GLN A 100 12.83 -9.36 -22.48
C GLN A 100 12.37 -10.45 -21.50
N ALA A 101 12.85 -10.41 -20.27
CA ALA A 101 12.41 -11.32 -19.21
C ALA A 101 11.54 -10.49 -18.28
N ARG A 102 10.23 -10.69 -18.37
CA ARG A 102 9.27 -9.76 -17.78
C ARG A 102 8.37 -10.50 -16.80
N TYR A 103 8.05 -9.81 -15.70
CA TYR A 103 7.33 -10.45 -14.59
C TYR A 103 6.05 -9.68 -14.29
N GLN A 104 5.82 -9.33 -13.02
CA GLN A 104 4.51 -8.81 -12.66
C GLN A 104 4.39 -7.31 -12.98
N SER A 105 3.13 -6.86 -13.13
CA SER A 105 2.85 -5.45 -13.31
C SER A 105 2.83 -4.75 -11.95
N VAL A 106 2.92 -3.43 -11.97
CA VAL A 106 2.96 -2.62 -10.75
C VAL A 106 1.76 -1.68 -10.74
N ASP A 107 1.01 -1.66 -9.64
CA ASP A 107 -0.04 -0.67 -9.48
C ASP A 107 0.42 0.56 -8.70
N GLY A 108 1.34 0.43 -7.77
CA GLY A 108 1.90 1.63 -7.20
C GLY A 108 2.31 1.46 -5.75
N PHE A 109 2.36 2.61 -5.07
CA PHE A 109 2.96 2.75 -3.75
C PHE A 109 2.11 3.75 -2.96
N GLY A 110 2.05 3.56 -1.65
CA GLY A 110 1.40 4.60 -0.88
C GLY A 110 1.31 4.31 0.59
N CYS A 111 0.19 4.70 1.19
CA CYS A 111 0.04 4.64 2.64
C CYS A 111 -1.43 4.78 2.99
N SER A 112 -1.71 4.74 4.28
CA SER A 112 -3.03 5.02 4.83
C SER A 112 -2.97 6.30 5.66
N GLN A 113 -4.14 6.90 5.88
CA GLN A 113 -4.30 7.95 6.88
C GLN A 113 -5.53 7.68 7.72
N ALA A 114 -5.76 6.40 8.05
CA ALA A 114 -6.91 5.97 8.83
C ALA A 114 -6.81 6.44 10.28
N PHE A 115 -7.87 6.15 11.03
CA PHE A 115 -7.95 6.44 12.48
C PHE A 115 -7.65 7.90 12.78
N GLN A 116 -8.20 8.78 11.94
CA GLN A 116 -8.19 10.25 12.03
C GLN A 116 -6.83 10.86 11.72
N ARG A 117 -5.85 10.07 11.28
CA ARG A 117 -4.54 10.66 11.01
C ARG A 117 -4.58 11.60 9.80
N ALA A 118 -5.57 11.41 8.91
CA ALA A 118 -5.76 12.38 7.83
C ALA A 118 -5.96 13.78 8.38
N GLU A 119 -6.62 13.88 9.54
CA GLU A 119 -6.87 15.19 10.13
C GLU A 119 -5.57 15.87 10.56
N ASP A 120 -4.53 15.09 10.90
CA ASP A 120 -3.24 15.67 11.25
C ASP A 120 -2.68 16.50 10.11
N ILE A 121 -2.82 16.00 8.87
CA ILE A 121 -2.27 16.69 7.70
C ILE A 121 -2.97 18.02 7.49
N PHE A 122 -4.22 18.13 7.92
CA PHE A 122 -5.01 19.34 7.70
C PHE A 122 -4.99 20.27 8.93
N GLY A 123 -4.04 20.08 9.83
CA GLY A 123 -3.76 21.04 10.88
C GLY A 123 -4.34 20.74 12.24
N LYS A 124 -4.79 19.51 12.49
CA LYS A 124 -5.45 19.18 13.75
C LYS A 124 -4.56 19.53 14.96
N TYR A 125 -3.25 19.34 14.83
CA TYR A 125 -2.32 19.60 15.91
C TYR A 125 -1.43 20.80 15.62
N GLY A 126 -1.90 21.72 14.80
CA GLY A 126 -1.21 22.98 14.59
C GLY A 126 -0.37 23.10 13.33
N LEU A 127 -0.45 22.15 12.41
CA LEU A 127 0.31 22.27 11.17
C LEU A 127 -0.17 23.49 10.40
N SER A 128 0.77 24.35 10.00
CA SER A 128 0.43 25.56 9.28
C SER A 128 -0.13 25.23 7.89
N PRO A 129 -0.95 26.13 7.32
CA PRO A 129 -1.36 25.93 5.91
C PRO A 129 -0.20 25.68 4.96
N LYS A 130 0.92 26.40 5.14
CA LYS A 130 2.10 26.12 4.32
C LYS A 130 2.49 24.64 4.40
N ASN A 131 2.61 24.10 5.61
CA ASN A 131 3.10 22.74 5.73
C ASN A 131 2.03 21.69 5.46
N GLN A 132 0.74 22.04 5.56
CA GLN A 132 -0.29 21.14 5.04
C GLN A 132 -0.08 20.89 3.56
N SER A 133 0.12 21.95 2.78
CA SER A 133 0.34 21.78 1.35
C SER A 133 1.69 21.12 1.08
N TYR A 134 2.70 21.44 1.88
CA TYR A 134 4.01 20.82 1.70
C TYR A 134 3.91 19.31 1.89
N VAL A 135 3.21 18.87 2.93
CA VAL A 135 3.10 17.44 3.19
C VAL A 135 2.32 16.76 2.07
N LEU A 136 1.24 17.39 1.61
CA LEU A 136 0.46 16.80 0.52
C LEU A 136 1.29 16.70 -0.76
N ASP A 137 2.18 17.68 -0.99
CA ASP A 137 3.06 17.61 -2.16
C ASP A 137 4.11 16.51 -1.99
N LEU A 138 4.71 16.40 -0.80
CA LEU A 138 5.69 15.33 -0.56
C LEU A 138 5.06 13.96 -0.82
N MET A 139 3.80 13.80 -0.41
CA MET A 139 3.15 12.50 -0.52
C MET A 139 2.70 12.24 -1.96
N TYR A 140 2.06 13.22 -2.61
CA TYR A 140 1.30 12.93 -3.83
C TYR A 140 1.79 13.62 -5.10
N SER A 141 2.70 14.58 -5.03
CA SER A 141 3.20 15.24 -6.24
C SER A 141 4.36 14.44 -6.80
N GLU A 142 4.23 13.98 -8.05
CA GLU A 142 5.32 13.28 -8.72
C GLU A 142 6.54 14.18 -8.89
N GLU A 143 6.33 15.47 -9.14
CA GLU A 143 7.44 16.39 -9.34
C GLU A 143 8.05 16.84 -8.02
N ARG A 144 7.21 17.22 -7.05
CA ARG A 144 7.69 17.80 -5.80
C ARG A 144 7.94 16.77 -4.71
N GLY A 145 7.52 15.54 -4.90
CA GLY A 145 7.58 14.54 -3.84
C GLY A 145 7.63 13.13 -4.35
N ALA A 146 6.96 12.24 -3.64
CA ALA A 146 7.02 10.82 -3.92
C ALA A 146 6.07 10.38 -5.00
N GLY A 147 5.07 11.22 -5.32
CA GLY A 147 4.03 10.80 -6.23
C GLY A 147 3.38 9.48 -5.84
N PHE A 148 2.98 9.32 -4.58
CA PHE A 148 2.25 8.10 -4.20
C PHE A 148 1.00 7.95 -5.05
N THR A 149 0.69 6.71 -5.42
CA THR A 149 -0.39 6.45 -6.34
C THR A 149 -1.52 5.61 -5.73
N ILE A 150 -1.39 5.17 -4.48
CA ILE A 150 -2.45 4.43 -3.80
C ILE A 150 -2.67 5.05 -2.44
N LEU A 151 -3.93 5.30 -2.09
CA LEU A 151 -4.33 5.74 -0.77
C LEU A 151 -5.29 4.71 -0.20
N ARG A 152 -4.96 4.15 0.97
CA ARG A 152 -5.81 3.18 1.65
C ARG A 152 -6.61 3.89 2.74
N ASN A 153 -7.93 3.94 2.56
CA ASN A 153 -8.83 4.61 3.49
C ASN A 153 -9.62 3.58 4.28
N GLY A 154 -9.93 3.93 5.53
CA GLY A 154 -10.78 3.10 6.36
C GLY A 154 -12.25 3.40 6.14
N ILE A 155 -13.04 2.35 5.95
CA ILE A 155 -14.50 2.43 5.95
C ILE A 155 -14.90 2.32 7.42
N GLY A 156 -15.28 3.45 8.02
CA GLY A 156 -15.42 3.49 9.47
C GLY A 156 -16.59 2.64 9.95
N SER A 157 -16.39 1.97 11.09
CA SER A 157 -17.42 1.13 11.70
C SER A 157 -18.05 1.72 12.96
N SER A 158 -17.59 2.88 13.42
CA SER A 158 -17.95 3.36 14.75
C SER A 158 -19.20 4.24 14.71
N ASN A 159 -19.85 4.35 15.87
CA ASN A 159 -21.02 5.21 15.97
C ASN A 159 -20.71 6.56 16.60
N SER A 160 -19.43 6.89 16.76
CA SER A 160 -19.00 8.21 17.16
C SER A 160 -17.63 8.47 16.55
N SER A 161 -17.12 9.68 16.77
CA SER A 161 -15.78 10.07 16.36
C SER A 161 -14.91 10.45 17.56
N THR A 162 -15.19 9.85 18.72
CA THR A 162 -14.33 10.05 19.88
C THR A 162 -13.00 9.34 19.68
N SER A 163 -12.07 9.56 20.63
CA SER A 163 -10.68 9.11 20.53
C SER A 163 -10.18 9.18 19.09
N ASN A 164 -9.77 8.06 18.50
CA ASN A 164 -9.34 8.06 17.11
C ASN A 164 -10.27 7.23 16.23
N LEU A 165 -11.52 7.05 16.65
CA LEU A 165 -12.45 6.21 15.90
C LEU A 165 -12.77 6.81 14.52
N MET A 166 -13.06 5.91 13.58
CA MET A 166 -13.60 6.30 12.28
C MET A 166 -15.09 6.03 12.30
N ASN A 167 -15.90 7.08 12.20
CA ASN A 167 -17.34 6.93 12.27
C ASN A 167 -17.91 6.33 10.98
N SER A 168 -19.02 5.62 11.14
CA SER A 168 -19.69 4.87 10.07
C SER A 168 -20.75 5.71 9.37
N ILE A 169 -20.99 5.38 8.09
CA ILE A 169 -22.16 5.92 7.39
C ILE A 169 -23.46 5.31 7.89
N GLU A 170 -23.41 4.22 8.66
CA GLU A 170 -24.62 3.59 9.21
C GLU A 170 -24.39 3.34 10.69
N PRO A 171 -24.37 4.40 11.51
CA PRO A 171 -23.95 4.24 12.91
C PRO A 171 -24.94 3.44 13.75
N PHE A 172 -26.23 3.50 13.45
CA PHE A 172 -27.25 2.89 14.27
C PHE A 172 -28.00 1.83 13.50
N SER A 173 -28.33 0.75 14.19
CA SER A 173 -28.99 -0.38 13.55
C SER A 173 -30.31 0.04 12.92
N PRO A 174 -30.64 -0.48 11.74
CA PRO A 174 -31.99 -0.29 11.18
C PRO A 174 -33.04 -1.17 11.83
N GLY A 175 -32.65 -2.01 12.79
CA GLY A 175 -33.58 -2.85 13.51
C GLY A 175 -33.49 -4.30 13.11
N SER A 176 -33.52 -4.56 11.81
CA SER A 176 -33.47 -5.91 11.27
C SER A 176 -32.76 -5.85 9.93
N PRO A 177 -32.22 -6.98 9.46
CA PRO A 177 -31.48 -6.95 8.19
C PRO A 177 -32.29 -6.45 7.00
N SER A 178 -33.60 -6.71 6.96
CA SER A 178 -34.42 -6.30 5.84
C SER A 178 -35.00 -4.89 5.99
N SER A 179 -34.80 -4.24 7.14
CA SER A 179 -35.31 -2.89 7.34
C SER A 179 -34.51 -1.89 6.51
N THR A 180 -35.15 -0.79 6.16
CA THR A 180 -34.51 0.20 5.29
C THR A 180 -33.40 0.90 6.06
N PRO A 181 -32.14 0.83 5.60
CA PRO A 181 -31.07 1.49 6.36
C PRO A 181 -31.13 3.00 6.26
N ASN A 182 -30.63 3.65 7.31
CA ASN A 182 -30.49 5.11 7.35
C ASN A 182 -28.99 5.44 7.26
N TYR A 183 -28.58 6.03 6.15
CA TYR A 183 -27.17 6.33 5.89
C TYR A 183 -26.91 7.82 6.06
N THR A 184 -25.76 8.16 6.63
N THR A 184 -25.76 8.17 6.63
CA THR A 184 -25.34 9.54 6.80
CA THR A 184 -25.35 9.55 6.82
C THR A 184 -23.98 9.72 6.14
C THR A 184 -23.97 9.76 6.21
N TRP A 185 -23.87 10.69 5.25
CA TRP A 185 -22.62 11.01 4.58
C TRP A 185 -22.18 12.40 5.02
N ASP A 186 -21.00 12.49 5.65
CA ASP A 186 -20.53 13.75 6.20
C ASP A 186 -19.48 14.44 5.35
N HIS A 187 -19.24 13.96 4.13
CA HIS A 187 -18.24 14.55 3.24
C HIS A 187 -16.90 14.70 3.95
N TYR A 188 -16.57 13.76 4.83
CA TYR A 188 -15.39 13.89 5.68
C TYR A 188 -14.69 12.56 5.94
N ASN A 189 -15.41 11.54 6.48
CA ASN A 189 -14.84 10.21 6.65
C ASN A 189 -13.52 10.30 7.43
N SER A 190 -13.57 11.01 8.56
CA SER A 190 -12.41 11.15 9.46
C SER A 190 -11.21 11.79 8.76
N GLY A 191 -11.51 12.80 7.94
CA GLY A 191 -10.49 13.49 7.17
C GLY A 191 -10.08 12.81 5.89
N GLN A 192 -10.50 11.58 5.67
CA GLN A 192 -10.03 10.84 4.50
C GLN A 192 -10.68 11.34 3.22
N PHE A 193 -11.89 11.93 3.29
CA PHE A 193 -12.47 12.44 2.04
C PHE A 193 -11.73 13.67 1.52
N PRO A 194 -11.52 14.74 2.30
CA PRO A 194 -10.71 15.84 1.76
C PRO A 194 -9.29 15.43 1.41
N LEU A 195 -8.70 14.49 2.15
CA LEU A 195 -7.40 13.96 1.76
C LEU A 195 -7.46 13.35 0.37
N SER A 196 -8.47 12.52 0.12
CA SER A 196 -8.62 11.88 -1.19
C SER A 196 -8.77 12.92 -2.29
N GLN A 197 -9.53 13.98 -2.04
CA GLN A 197 -9.64 15.07 -3.01
C GLN A 197 -8.28 15.68 -3.31
N GLN A 198 -7.49 15.95 -2.26
CA GLN A 198 -6.19 16.57 -2.46
C GLN A 198 -5.21 15.63 -3.16
N ALA A 199 -5.28 14.32 -2.86
CA ALA A 199 -4.40 13.38 -3.54
C ALA A 199 -4.77 13.27 -5.01
N ARG A 200 -6.06 13.17 -5.30
CA ARG A 200 -6.52 13.11 -6.67
C ARG A 200 -6.17 14.40 -7.43
N ALA A 201 -6.23 15.56 -6.75
CA ALA A 201 -5.86 16.80 -7.43
C ALA A 201 -4.42 16.78 -7.92
N ARG A 202 -3.57 16.04 -7.22
CA ARG A 202 -2.18 15.90 -7.58
C ARG A 202 -1.90 14.68 -8.45
N GLY A 203 -2.95 13.93 -8.84
CA GLY A 203 -2.81 12.86 -9.82
C GLY A 203 -2.98 11.45 -9.30
N LEU A 204 -3.27 11.25 -8.01
CA LEU A 204 -3.37 9.90 -7.45
C LEU A 204 -4.46 9.09 -8.14
N PRO A 205 -4.15 7.93 -8.72
CA PRO A 205 -5.19 7.16 -9.42
C PRO A 205 -6.02 6.25 -8.52
N TYR A 206 -5.43 5.63 -7.50
CA TYR A 206 -6.06 4.48 -6.85
C TYR A 206 -6.44 4.79 -5.41
N ILE A 207 -7.72 4.60 -5.09
CA ILE A 207 -8.22 4.75 -3.73
C ILE A 207 -8.75 3.39 -3.30
N TYR A 208 -8.12 2.83 -2.26
CA TYR A 208 -8.46 1.52 -1.73
C TYR A 208 -9.22 1.74 -0.42
N ALA A 209 -10.53 1.49 -0.44
CA ALA A 209 -11.34 1.58 0.78
C ALA A 209 -11.41 0.20 1.42
N ASP A 210 -11.10 0.14 2.73
CA ASP A 210 -10.97 -1.12 3.45
C ASP A 210 -11.69 -0.99 4.79
N ALA A 211 -12.61 -1.90 5.08
CA ALA A 211 -13.27 -1.96 6.38
C ALA A 211 -12.47 -2.81 7.36
N TRP A 212 -12.24 -2.28 8.58
CA TRP A 212 -11.71 -3.10 9.67
C TRP A 212 -12.79 -3.97 10.30
N SER A 213 -14.04 -3.53 10.24
CA SER A 213 -15.15 -4.28 10.81
C SER A 213 -16.45 -3.81 10.17
N ALA A 214 -17.43 -4.70 10.14
CA ALA A 214 -18.81 -4.28 9.92
C ALA A 214 -19.27 -3.51 11.16
N PRO A 215 -20.31 -2.68 11.03
CA PRO A 215 -20.91 -2.07 12.22
C PRO A 215 -21.30 -3.16 13.21
N GLY A 216 -21.26 -2.80 14.51
CA GLY A 216 -21.39 -3.83 15.55
C GLY A 216 -22.70 -4.60 15.50
N TYR A 217 -23.80 -3.91 15.17
CA TYR A 217 -25.11 -4.56 15.17
C TYR A 217 -25.23 -5.61 14.06
N MET A 218 -24.25 -5.71 13.16
CA MET A 218 -24.24 -6.74 12.13
C MET A 218 -23.48 -7.98 12.54
N LYS A 219 -22.95 -8.03 13.77
CA LYS A 219 -21.97 -9.04 14.16
C LYS A 219 -22.46 -9.89 15.32
N THR A 220 -21.87 -11.09 15.42
CA THR A 220 -22.22 -12.03 16.47
C THR A 220 -22.02 -11.46 17.88
N ASN A 221 -21.02 -10.61 18.08
CA ASN A 221 -20.74 -10.04 19.39
C ASN A 221 -21.34 -8.66 19.58
N GLN A 222 -22.09 -8.17 18.60
CA GLN A 222 -22.78 -6.88 18.69
C GLN A 222 -21.79 -5.75 19.01
N ASP A 223 -20.58 -5.87 18.47
CA ASP A 223 -19.50 -4.95 18.82
C ASP A 223 -18.54 -4.83 17.64
N GLU A 224 -18.24 -3.60 17.23
CA GLU A 224 -17.19 -3.41 16.22
C GLU A 224 -15.83 -3.88 16.69
N ASN A 225 -15.61 -3.98 18.00
CA ASN A 225 -14.32 -4.36 18.57
C ASN A 225 -14.30 -5.83 18.93
N TRP A 226 -13.07 -6.31 19.23
CA TRP A 226 -12.86 -7.66 19.77
C TRP A 226 -13.32 -8.75 18.80
N SER A 227 -12.96 -8.59 17.52
CA SER A 227 -13.26 -9.57 16.48
C SER A 227 -14.76 -9.81 16.44
N GLY A 228 -15.24 -11.05 16.45
CA GLY A 228 -16.62 -11.35 16.13
C GLY A 228 -16.81 -11.55 14.63
N PHE A 229 -17.98 -12.07 14.27
CA PHE A 229 -18.23 -12.47 12.89
C PHE A 229 -19.48 -11.80 12.34
N LEU A 230 -19.45 -11.55 11.03
CA LEU A 230 -20.63 -11.07 10.33
C LEU A 230 -21.77 -12.07 10.49
N CYS A 231 -22.89 -11.60 11.03
CA CYS A 231 -24.05 -12.46 11.24
C CYS A 231 -24.50 -13.11 9.95
N GLY A 232 -24.57 -14.46 9.94
CA GLY A 232 -25.05 -15.20 8.79
C GLY A 232 -23.96 -15.92 8.02
N ILE A 233 -22.69 -15.57 8.26
CA ILE A 233 -21.57 -16.30 7.68
C ILE A 233 -21.59 -17.73 8.21
N GLU A 234 -21.04 -18.66 7.41
CA GLU A 234 -21.06 -20.08 7.77
C GLU A 234 -20.55 -20.31 9.18
N GLY A 235 -21.36 -20.98 9.98
CA GLY A 235 -21.04 -21.28 11.35
C GLY A 235 -21.38 -20.21 12.36
N GLU A 236 -21.89 -19.05 11.92
CA GLU A 236 -22.05 -17.89 12.80
C GLU A 236 -23.42 -17.26 12.61
N THR A 237 -24.44 -17.84 13.23
CA THR A 237 -25.78 -17.29 13.21
C THR A 237 -25.96 -16.28 14.32
N CYS A 238 -26.97 -15.44 14.16
CA CYS A 238 -27.31 -14.42 15.15
C CYS A 238 -28.81 -14.40 15.34
N PRO A 239 -29.27 -14.13 16.57
CA PRO A 239 -30.73 -14.02 16.80
C PRO A 239 -31.40 -12.95 15.97
N SER A 240 -30.69 -11.85 15.64
CA SER A 240 -31.28 -10.77 14.85
C SER A 240 -31.36 -11.10 13.37
N GLY A 241 -30.72 -12.16 12.93
CA GLY A 241 -30.89 -12.60 11.56
C GLY A 241 -29.60 -12.64 10.76
N ASP A 242 -29.74 -12.62 9.44
CA ASP A 242 -28.64 -12.77 8.50
C ASP A 242 -28.31 -11.40 7.93
N TRP A 243 -27.13 -10.87 8.29
CA TRP A 243 -26.76 -9.52 7.90
C TRP A 243 -25.78 -9.47 6.72
N ARG A 244 -25.54 -10.60 6.04
CA ARG A 244 -24.51 -10.60 4.99
C ARG A 244 -24.85 -9.64 3.86
N GLN A 245 -26.07 -9.73 3.32
CA GLN A 245 -26.42 -8.81 2.24
C GLN A 245 -26.44 -7.37 2.72
N ALA A 246 -26.85 -7.15 3.98
CA ALA A 246 -26.87 -5.78 4.51
C ALA A 246 -25.47 -5.19 4.55
N TYR A 247 -24.47 -6.00 4.94
CA TYR A 247 -23.10 -5.50 4.95
C TYR A 247 -22.63 -5.22 3.52
N ALA A 248 -22.96 -6.09 2.58
CA ALA A 248 -22.59 -5.83 1.19
C ALA A 248 -23.22 -4.54 0.69
N ASP A 249 -24.51 -4.35 0.96
CA ASP A 249 -25.17 -3.12 0.55
C ASP A 249 -24.55 -1.91 1.21
N TYR A 250 -24.13 -2.06 2.46
CA TYR A 250 -23.51 -0.97 3.21
C TYR A 250 -22.20 -0.55 2.55
N LEU A 251 -21.39 -1.53 2.16
CA LEU A 251 -20.13 -1.20 1.50
C LEU A 251 -20.37 -0.53 0.16
N VAL A 252 -21.35 -1.02 -0.60
CA VAL A 252 -21.73 -0.38 -1.87
C VAL A 252 -22.12 1.07 -1.63
N GLN A 253 -22.87 1.33 -0.55
CA GLN A 253 -23.31 2.71 -0.31
C GLN A 253 -22.14 3.62 0.05
N TYR A 254 -21.17 3.13 0.82
CA TYR A 254 -19.96 3.93 1.08
C TYR A 254 -19.30 4.32 -0.24
N VAL A 255 -19.18 3.37 -1.16
CA VAL A 255 -18.53 3.62 -2.44
C VAL A 255 -19.35 4.61 -3.27
N LYS A 256 -20.69 4.51 -3.18
CA LYS A 256 -21.55 5.41 -3.93
C LYS A 256 -21.43 6.85 -3.44
N PHE A 257 -21.38 7.05 -2.11
CA PHE A 257 -21.21 8.39 -1.58
C PHE A 257 -19.92 9.03 -2.12
N TYR A 258 -18.84 8.24 -2.17
CA TYR A 258 -17.58 8.77 -2.68
C TYR A 258 -17.71 9.17 -4.14
N ALA A 259 -18.27 8.28 -4.97
CA ALA A 259 -18.38 8.56 -6.40
C ALA A 259 -19.30 9.75 -6.65
N GLU A 260 -20.43 9.80 -5.95
CA GLU A 260 -21.34 10.92 -6.14
C GLU A 260 -20.74 12.25 -5.72
N SER A 261 -19.74 12.23 -4.84
CA SER A 261 -19.07 13.44 -4.39
C SER A 261 -17.80 13.72 -5.20
N GLY A 262 -17.63 13.03 -6.32
CA GLY A 262 -16.55 13.29 -7.25
C GLY A 262 -15.25 12.55 -7.00
N VAL A 263 -15.24 11.56 -6.11
CA VAL A 263 -13.99 10.87 -5.73
C VAL A 263 -14.21 9.37 -5.83
N PRO A 264 -14.17 8.77 -7.02
CA PRO A 264 -14.46 7.33 -7.12
C PRO A 264 -13.43 6.47 -6.40
N VAL A 265 -13.93 5.42 -5.75
CA VAL A 265 -13.09 4.40 -5.12
C VAL A 265 -12.78 3.34 -6.18
N THR A 266 -11.51 2.91 -6.24
CA THR A 266 -11.09 1.96 -7.25
C THR A 266 -10.92 0.54 -6.73
N HIS A 267 -10.65 0.37 -5.44
CA HIS A 267 -10.41 -0.94 -4.84
C HIS A 267 -11.17 -1.00 -3.53
N LEU A 268 -11.71 -2.19 -3.19
CA LEU A 268 -12.62 -2.33 -2.06
C LEU A 268 -12.33 -3.60 -1.28
N GLY A 269 -12.14 -3.45 0.03
CA GLY A 269 -11.93 -4.58 0.91
C GLY A 269 -12.86 -4.51 2.10
N PHE A 270 -13.20 -5.68 2.64
CA PHE A 270 -14.19 -5.74 3.71
C PHE A 270 -13.67 -6.34 5.01
N LEU A 271 -12.39 -6.71 5.07
CA LEU A 271 -11.73 -7.22 6.26
C LEU A 271 -10.41 -6.52 6.48
N ASN A 272 -9.96 -6.53 7.74
CA ASN A 272 -8.58 -6.18 8.08
C ASN A 272 -8.10 -7.19 9.10
N GLU A 273 -7.00 -7.88 8.79
CA GLU A 273 -6.34 -8.78 9.74
C GLU A 273 -7.36 -9.66 10.48
N PRO A 274 -8.14 -10.47 9.75
CA PRO A 274 -9.24 -11.22 10.40
C PRO A 274 -8.75 -12.18 11.47
N GLN A 275 -7.45 -12.51 11.46
CA GLN A 275 -6.85 -13.32 12.51
C GLN A 275 -6.86 -12.63 13.87
N GLU A 276 -6.86 -11.29 13.90
CA GLU A 276 -6.52 -10.54 15.10
C GLU A 276 -7.73 -10.23 15.96
N VAL A 277 -7.59 -10.44 17.27
CA VAL A 277 -8.63 -10.14 18.25
C VAL A 277 -8.10 -9.01 19.13
N VAL A 278 -8.58 -7.79 18.89
CA VAL A 278 -7.97 -6.58 19.43
C VAL A 278 -9.06 -5.65 19.97
N SER A 279 -8.62 -4.62 20.68
CA SER A 279 -9.54 -3.69 21.35
C SER A 279 -10.17 -2.67 20.40
N TYR A 280 -9.66 -2.52 19.19
CA TYR A 280 -10.19 -1.59 18.20
C TYR A 280 -10.95 -2.39 17.14
N ALA A 281 -11.41 -1.70 16.09
CA ALA A 281 -12.26 -2.32 15.10
C ALA A 281 -11.59 -3.55 14.50
N SER A 282 -12.34 -4.66 14.49
CA SER A 282 -11.79 -5.93 14.04
C SER A 282 -12.97 -6.87 13.76
N MET A 283 -12.70 -7.90 12.95
CA MET A 283 -13.75 -8.84 12.55
C MET A 283 -13.12 -10.08 11.93
N GLY A 284 -13.59 -11.27 12.34
CA GLY A 284 -12.95 -12.50 11.94
C GLY A 284 -13.44 -13.05 10.61
N SER A 285 -12.72 -14.08 10.14
CA SER A 285 -13.03 -14.91 8.98
C SER A 285 -11.82 -15.76 8.65
N ASN A 286 -12.03 -17.06 8.40
CA ASN A 286 -10.99 -17.87 7.78
C ASN A 286 -11.17 -17.77 6.26
N GLY A 287 -10.40 -18.57 5.51
CA GLY A 287 -10.44 -18.47 4.06
C GLY A 287 -11.80 -18.77 3.48
N THR A 288 -12.48 -19.82 3.97
CA THR A 288 -13.76 -20.15 3.38
C THR A 288 -14.85 -19.18 3.81
N GLN A 289 -14.73 -18.62 5.02
CA GLN A 289 -15.70 -17.61 5.46
C GLN A 289 -15.54 -16.32 4.67
N ALA A 290 -14.29 -15.92 4.43
CA ALA A 290 -14.02 -14.78 3.56
C ALA A 290 -14.55 -15.04 2.15
N ALA A 291 -14.31 -16.24 1.62
CA ALA A 291 -14.76 -16.56 0.27
C ALA A 291 -16.26 -16.40 0.14
N GLU A 292 -17.00 -16.86 1.16
CA GLU A 292 -18.46 -16.76 1.15
C GLU A 292 -18.91 -15.33 0.90
N PHE A 293 -18.28 -14.38 1.61
CA PHE A 293 -18.71 -13.00 1.46
C PHE A 293 -18.18 -12.37 0.17
N VAL A 294 -16.96 -12.73 -0.26
CA VAL A 294 -16.45 -12.23 -1.53
C VAL A 294 -17.47 -12.43 -2.64
N LYS A 295 -18.06 -13.64 -2.69
CA LYS A 295 -19.01 -13.95 -3.76
C LYS A 295 -20.27 -13.10 -3.62
N ILE A 296 -20.77 -12.94 -2.39
CA ILE A 296 -21.95 -12.10 -2.17
C ILE A 296 -21.68 -10.66 -2.60
N LEU A 297 -20.53 -10.12 -2.20
CA LEU A 297 -20.21 -8.74 -2.54
C LEU A 297 -19.99 -8.58 -4.04
N GLY A 298 -19.27 -9.51 -4.66
CA GLY A 298 -19.02 -9.40 -6.09
C GLY A 298 -20.30 -9.47 -6.91
N GLN A 299 -21.21 -10.35 -6.52
CA GLN A 299 -22.49 -10.45 -7.22
C GLN A 299 -23.34 -9.20 -6.99
N THR A 300 -23.24 -8.59 -5.80
CA THR A 300 -23.96 -7.35 -5.55
C THR A 300 -23.46 -6.24 -6.44
N LEU A 301 -22.13 -6.12 -6.57
CA LEU A 301 -21.58 -5.05 -7.41
C LEU A 301 -22.00 -5.24 -8.86
N GLU A 302 -22.04 -6.48 -9.33
CA GLU A 302 -22.48 -6.74 -10.70
C GLU A 302 -23.93 -6.34 -10.92
N ARG A 303 -24.81 -6.64 -9.94
CA ARG A 303 -26.20 -6.21 -10.05
C ARG A 303 -26.31 -4.69 -10.09
N GLU A 304 -25.52 -4.00 -9.28
CA GLU A 304 -25.55 -2.55 -9.23
C GLU A 304 -24.83 -1.88 -10.39
N GLY A 305 -24.11 -2.64 -11.22
CA GLY A 305 -23.39 -2.04 -12.32
C GLY A 305 -22.23 -1.17 -11.89
N ILE A 306 -21.59 -1.51 -10.78
CA ILE A 306 -20.46 -0.74 -10.25
C ILE A 306 -19.19 -1.51 -10.60
N ASP A 307 -18.26 -0.84 -11.27
CA ASP A 307 -16.96 -1.40 -11.63
C ASP A 307 -15.98 -1.02 -10.52
N ILE A 308 -15.49 -2.02 -9.80
CA ILE A 308 -14.54 -1.78 -8.70
C ILE A 308 -13.75 -3.07 -8.50
N GLU A 309 -12.50 -2.94 -8.08
CA GLU A 309 -11.64 -4.12 -7.87
C GLU A 309 -11.75 -4.60 -6.43
N LEU A 310 -12.16 -5.85 -6.24
CA LEU A 310 -12.34 -6.44 -4.92
C LEU A 310 -11.02 -7.05 -4.42
N THR A 311 -10.79 -6.90 -3.13
CA THR A 311 -9.59 -7.43 -2.47
C THR A 311 -9.98 -8.39 -1.35
N CYS A 312 -9.00 -9.18 -0.92
CA CYS A 312 -9.05 -9.97 0.31
C CYS A 312 -7.64 -10.44 0.60
N CYS A 313 -7.23 -10.52 1.88
CA CYS A 313 -8.05 -10.28 3.06
C CYS A 313 -7.28 -9.42 4.08
N ASP A 314 -6.22 -8.79 3.62
CA ASP A 314 -5.39 -7.94 4.48
C ASP A 314 -4.91 -8.72 5.71
N GLY A 315 -4.44 -9.94 5.48
CA GLY A 315 -3.99 -10.77 6.57
C GLY A 315 -2.82 -10.15 7.32
N VAL A 316 -2.70 -10.54 8.61
CA VAL A 316 -1.76 -9.89 9.52
C VAL A 316 -0.31 -10.18 9.14
N GLY A 317 -0.06 -11.24 8.38
CA GLY A 317 1.24 -11.50 7.82
C GLY A 317 1.08 -12.21 6.49
N TRP A 318 2.21 -12.34 5.79
CA TRP A 318 2.20 -12.91 4.45
C TRP A 318 1.82 -14.40 4.49
N SER A 319 2.42 -15.17 5.41
CA SER A 319 2.06 -16.57 5.53
C SER A 319 0.63 -16.74 6.00
N GLU A 320 0.17 -15.84 6.88
CA GLU A 320 -1.20 -15.90 7.36
C GLU A 320 -2.19 -15.63 6.22
N GLN A 321 -1.85 -14.71 5.32
CA GLN A 321 -2.70 -14.50 4.15
C GLN A 321 -2.62 -15.70 3.20
N GLU A 322 -1.42 -16.26 3.02
CA GLU A 322 -1.30 -17.41 2.13
C GLU A 322 -2.20 -18.54 2.59
N ALA A 323 -2.33 -18.72 3.91
CA ALA A 323 -3.17 -19.78 4.46
C ALA A 323 -4.66 -19.63 4.11
N MET A 324 -5.11 -18.40 3.79
CA MET A 324 -6.50 -18.20 3.40
C MET A 324 -6.78 -18.48 1.94
N ILE A 325 -5.75 -18.60 1.11
CA ILE A 325 -5.91 -18.64 -0.34
C ILE A 325 -6.59 -19.93 -0.79
N PRO A 326 -6.29 -21.10 -0.19
CA PRO A 326 -7.05 -22.30 -0.58
C PRO A 326 -8.55 -22.12 -0.45
N GLY A 327 -9.02 -21.57 0.67
CA GLY A 327 -10.44 -21.28 0.82
C GLY A 327 -10.97 -20.34 -0.26
N LEU A 328 -10.17 -19.34 -0.64
CA LEU A 328 -10.57 -18.43 -1.70
C LEU A 328 -10.60 -19.10 -3.07
N GLN A 329 -9.96 -20.26 -3.21
CA GLN A 329 -9.86 -20.92 -4.50
C GLN A 329 -10.83 -22.08 -4.66
N VAL A 330 -11.60 -22.42 -3.62
CA VAL A 330 -12.58 -23.49 -3.74
C VAL A 330 -13.64 -23.09 -4.74
N VAL A 331 -13.79 -23.89 -5.79
CA VAL A 331 -14.86 -23.70 -6.76
C VAL A 331 -16.14 -24.29 -6.19
N GLY A 332 -17.13 -23.45 -5.94
CA GLY A 332 -18.34 -23.90 -5.31
C GLY A 332 -19.27 -24.58 -6.29
N PRO A 333 -20.42 -25.02 -5.78
CA PRO A 333 -21.42 -25.66 -6.65
C PRO A 333 -21.87 -24.80 -7.82
N ASP A 334 -21.73 -23.47 -7.73
CA ASP A 334 -22.11 -22.60 -8.85
C ASP A 334 -21.01 -22.49 -9.91
N GLY A 335 -19.91 -23.21 -9.74
CA GLY A 335 -18.82 -23.12 -10.70
C GLY A 335 -17.86 -21.96 -10.50
N LYS A 336 -17.99 -21.21 -9.42
CA LYS A 336 -17.16 -20.04 -9.17
C LYS A 336 -16.42 -20.17 -7.85
N SER A 337 -15.22 -19.62 -7.80
CA SER A 337 -14.49 -19.42 -6.57
C SER A 337 -14.56 -17.95 -6.18
N ALA A 338 -14.21 -17.66 -4.91
CA ALA A 338 -14.03 -16.27 -4.53
C ALA A 338 -12.94 -15.61 -5.37
N GLU A 339 -11.90 -16.36 -5.71
CA GLU A 339 -10.82 -15.80 -6.52
C GLU A 339 -11.32 -15.31 -7.87
N ASP A 340 -12.36 -15.96 -8.43
CA ASP A 340 -12.94 -15.47 -9.68
C ASP A 340 -13.45 -14.04 -9.57
N TYR A 341 -13.93 -13.64 -8.37
CA TYR A 341 -14.43 -12.28 -8.16
C TYR A 341 -13.37 -11.29 -7.75
N LEU A 342 -12.24 -11.78 -7.22
CA LEU A 342 -11.19 -10.91 -6.69
C LEU A 342 -10.32 -10.35 -7.80
N SER A 343 -9.85 -9.12 -7.61
CA SER A 343 -8.82 -8.58 -8.47
C SER A 343 -7.43 -8.61 -7.83
N VAL A 344 -7.35 -8.45 -6.51
CA VAL A 344 -6.08 -8.33 -5.80
C VAL A 344 -6.18 -9.12 -4.50
N VAL A 345 -5.17 -9.93 -4.21
CA VAL A 345 -5.03 -10.54 -2.89
C VAL A 345 -4.06 -9.68 -2.09
N THR A 346 -4.47 -9.33 -0.86
CA THR A 346 -3.77 -8.34 -0.03
C THR A 346 -3.29 -8.97 1.27
N GLY A 347 -2.13 -8.52 1.74
CA GLY A 347 -1.63 -8.94 3.03
C GLY A 347 -0.71 -7.89 3.63
N HIS A 348 -0.49 -8.02 4.93
CA HIS A 348 0.39 -7.16 5.70
C HIS A 348 1.71 -7.87 5.99
N GLY A 349 2.65 -7.13 6.58
CA GLY A 349 3.98 -7.68 6.80
C GLY A 349 4.34 -7.97 8.25
N TYR A 350 3.41 -7.75 9.17
CA TYR A 350 3.74 -7.73 10.59
C TYR A 350 4.09 -9.12 11.12
N SER A 351 3.20 -10.09 10.93
CA SER A 351 3.42 -11.42 11.51
C SER A 351 4.41 -12.24 10.70
N SER A 352 4.54 -11.95 9.41
CA SER A 352 5.55 -12.54 8.54
C SER A 352 5.66 -11.67 7.31
N ALA A 353 6.89 -11.49 6.81
CA ALA A 353 7.18 -10.50 5.79
C ALA A 353 6.91 -11.03 4.39
N PRO A 354 6.57 -10.14 3.45
CA PRO A 354 6.46 -10.56 2.04
C PRO A 354 7.83 -10.88 1.45
N THR A 355 8.22 -12.15 1.55
CA THR A 355 9.50 -12.61 1.00
C THR A 355 9.35 -13.78 0.05
N PHE A 356 8.12 -14.18 -0.27
CA PHE A 356 7.84 -15.30 -1.16
C PHE A 356 6.53 -14.99 -1.86
N PRO A 357 6.29 -15.57 -3.04
CA PRO A 357 5.05 -15.27 -3.77
C PRO A 357 3.85 -16.03 -3.21
N LEU A 358 2.72 -15.34 -3.12
CA LEU A 358 1.46 -16.01 -2.77
C LEU A 358 0.99 -16.87 -3.94
N SER A 359 0.23 -17.93 -3.60
CA SER A 359 -0.19 -18.91 -4.58
C SER A 359 -1.51 -18.58 -5.26
N THR A 360 -1.88 -17.31 -5.33
CA THR A 360 -3.06 -16.93 -6.11
C THR A 360 -2.66 -16.64 -7.55
N LYS A 361 -3.63 -16.73 -8.46
CA LYS A 361 -3.41 -16.31 -9.83
C LYS A 361 -3.59 -14.81 -10.02
N ARG A 362 -4.01 -14.09 -8.98
CA ARG A 362 -4.24 -12.67 -9.06
C ARG A 362 -2.99 -11.90 -8.66
N ARG A 363 -2.95 -10.61 -9.04
CA ARG A 363 -1.99 -9.68 -8.47
C ARG A 363 -2.08 -9.69 -6.95
N THR A 364 -0.96 -9.42 -6.30
CA THR A 364 -0.93 -9.28 -4.86
C THR A 364 -0.42 -7.90 -4.47
N TRP A 365 -0.89 -7.42 -3.32
CA TRP A 365 -0.45 -6.14 -2.77
C TRP A 365 0.00 -6.35 -1.33
N LEU A 366 1.14 -5.79 -0.99
CA LEU A 366 1.46 -5.56 0.42
C LEU A 366 0.73 -4.27 0.81
N THR A 367 -0.28 -4.39 1.68
CA THR A 367 -1.18 -3.27 1.91
C THR A 367 -1.00 -2.58 3.25
N GLU A 368 -0.18 -3.11 4.15
CA GLU A 368 0.11 -2.40 5.39
C GLU A 368 1.36 -2.98 6.03
N TRP A 369 2.23 -2.09 6.51
CA TRP A 369 3.45 -2.48 7.21
C TRP A 369 4.10 -1.21 7.72
N THR A 370 4.71 -1.29 8.90
CA THR A 370 5.45 -0.18 9.48
C THR A 370 6.29 -0.73 10.63
N ASP A 371 6.97 0.17 11.35
CA ASP A 371 7.72 -0.16 12.56
C ASP A 371 6.88 0.28 13.74
N LEU A 372 6.27 -0.69 14.45
CA LEU A 372 5.40 -0.39 15.59
C LEU A 372 6.13 -0.45 16.92
N SER A 373 7.47 -0.48 16.92
CA SER A 373 8.22 -0.67 18.15
C SER A 373 8.14 0.52 19.10
N GLY A 374 7.77 1.70 18.61
CA GLY A 374 7.84 2.90 19.42
C GLY A 374 9.15 3.64 19.33
N ALA A 375 10.13 3.11 18.60
CA ALA A 375 11.37 3.82 18.36
C ALA A 375 11.13 5.07 17.52
N PHE A 376 12.13 5.96 17.50
CA PHE A 376 12.06 7.21 16.77
C PHE A 376 13.34 7.35 15.97
N THR A 377 13.26 7.07 14.67
CA THR A 377 14.43 6.96 13.79
C THR A 377 14.22 7.80 12.52
N PRO A 378 14.12 9.13 12.65
CA PRO A 378 13.84 9.95 11.46
C PRO A 378 14.99 10.05 10.47
N TYR A 379 16.25 10.06 10.92
CA TYR A 379 17.35 10.48 10.05
C TYR A 379 18.26 9.35 9.60
N THR A 380 18.10 8.16 10.14
CA THR A 380 19.04 7.07 9.91
C THR A 380 18.64 6.25 8.69
N PHE A 381 19.51 6.22 7.69
CA PHE A 381 19.34 5.26 6.61
C PHE A 381 20.00 3.93 6.97
N PHE A 382 21.23 3.98 7.47
CA PHE A 382 21.83 2.79 8.05
C PHE A 382 22.63 3.15 9.30
N ALA A 383 22.42 2.40 10.37
CA ALA A 383 23.29 2.50 11.54
C ALA A 383 23.63 1.11 12.04
N ASP A 384 22.60 0.33 12.41
CA ASP A 384 22.82 -1.04 12.88
C ASP A 384 21.65 -1.96 12.57
N GLY A 385 20.92 -1.69 11.48
CA GLY A 385 19.84 -2.57 11.09
C GLY A 385 18.59 -2.47 11.93
N GLY A 386 18.40 -1.35 12.62
CA GLY A 386 17.16 -1.11 13.35
C GLY A 386 15.94 -1.21 12.45
N ALA A 387 14.80 -1.59 13.04
CA ALA A 387 13.58 -1.85 12.29
C ALA A 387 13.01 -0.62 11.61
N GLY A 388 13.44 0.58 12.04
CA GLY A 388 12.97 1.83 11.49
C GLY A 388 13.93 2.54 10.57
N GLU A 389 15.06 1.92 10.24
CA GLU A 389 16.07 2.55 9.41
C GLU A 389 15.64 2.58 7.95
N GLY A 390 16.13 3.60 7.22
CA GLY A 390 15.81 3.72 5.81
C GLY A 390 16.18 2.50 4.98
N MET A 391 17.38 1.95 5.19
CA MET A 391 17.80 0.79 4.41
C MET A 391 16.91 -0.41 4.68
N THR A 392 16.48 -0.58 5.94
CA THR A 392 15.57 -1.66 6.27
C THR A 392 14.35 -1.62 5.38
N TRP A 393 13.80 -0.42 5.15
CA TRP A 393 12.57 -0.29 4.39
C TRP A 393 12.83 -0.30 2.88
N ALA A 394 13.95 0.28 2.43
CA ALA A 394 14.35 0.10 1.05
C ALA A 394 14.44 -1.39 0.72
N ASN A 395 14.98 -2.19 1.63
CA ASN A 395 15.12 -3.61 1.39
C ASN A 395 13.78 -4.34 1.49
N HIS A 396 12.93 -3.94 2.45
CA HIS A 396 11.58 -4.51 2.50
C HIS A 396 10.87 -4.33 1.17
N ILE A 397 10.96 -3.13 0.60
CA ILE A 397 10.27 -2.85 -0.66
C ILE A 397 10.86 -3.68 -1.78
N GLN A 398 12.19 -3.59 -1.96
CA GLN A 398 12.83 -4.32 -3.05
C GLN A 398 12.54 -5.82 -2.97
N THR A 399 12.62 -6.39 -1.75
CA THR A 399 12.34 -7.82 -1.57
C THR A 399 10.89 -8.15 -1.91
N ALA A 400 9.95 -7.31 -1.47
CA ALA A 400 8.55 -7.58 -1.77
C ALA A 400 8.30 -7.71 -3.27
N PHE A 401 8.95 -6.86 -4.09
CA PHE A 401 8.74 -6.97 -5.53
C PHE A 401 9.55 -8.10 -6.15
N VAL A 402 10.84 -8.22 -5.78
CA VAL A 402 11.70 -9.18 -6.48
C VAL A 402 11.43 -10.60 -6.01
N ASN A 403 11.22 -10.80 -4.71
CA ASN A 403 11.10 -12.13 -4.14
C ASN A 403 9.68 -12.52 -3.75
N ALA A 404 8.81 -11.54 -3.46
CA ALA A 404 7.44 -11.85 -3.08
C ALA A 404 6.43 -11.54 -4.18
N ASN A 405 6.88 -11.02 -5.32
CA ASN A 405 6.06 -10.89 -6.53
C ASN A 405 4.87 -9.94 -6.34
N VAL A 406 5.01 -8.92 -5.50
CA VAL A 406 3.87 -8.01 -5.27
C VAL A 406 3.75 -7.01 -6.41
N SER A 407 2.55 -6.44 -6.54
CA SER A 407 2.27 -5.38 -7.49
C SER A 407 2.12 -4.02 -6.83
N ALA A 408 2.11 -3.96 -5.50
CA ALA A 408 2.03 -2.67 -4.82
C ALA A 408 2.62 -2.79 -3.43
N PHE A 409 3.04 -1.67 -2.87
CA PHE A 409 3.58 -1.62 -1.52
C PHE A 409 2.99 -0.41 -0.80
N ILE A 410 2.16 -0.66 0.19
CA ILE A 410 1.45 0.38 0.93
C ILE A 410 1.93 0.34 2.37
N TYR A 411 2.58 1.42 2.81
CA TYR A 411 2.98 1.62 4.19
C TYR A 411 1.73 1.83 5.05
N TRP A 412 1.91 1.80 6.38
CA TRP A 412 0.84 2.22 7.28
C TRP A 412 0.71 3.74 7.17
N ILE A 413 0.83 4.48 8.25
CA ILE A 413 0.48 5.90 8.20
C ILE A 413 1.54 6.68 7.43
N GLY A 414 1.10 7.57 6.55
CA GLY A 414 2.05 8.42 5.82
C GLY A 414 2.63 9.52 6.68
N ALA A 415 1.78 10.37 7.24
CA ALA A 415 2.21 11.48 8.06
C ALA A 415 1.32 11.60 9.29
N GLU A 416 1.94 11.82 10.45
CA GLU A 416 1.16 11.87 11.68
C GLU A 416 1.90 12.69 12.73
N ASN A 417 1.13 13.28 13.63
CA ASN A 417 1.66 14.02 14.77
C ASN A 417 2.09 12.99 15.80
N SER A 418 3.35 12.57 15.70
N SER A 418 3.34 12.53 15.67
CA SER A 418 3.92 11.55 16.58
CA SER A 418 3.92 11.58 16.59
C SER A 418 5.43 11.61 16.48
C SER A 418 5.44 11.70 16.53
N THR A 419 6.10 11.09 17.52
CA THR A 419 7.55 10.94 17.46
C THR A 419 7.87 9.45 17.56
N THR A 420 7.22 8.63 16.73
CA THR A 420 7.54 7.22 16.60
C THR A 420 7.76 6.91 15.13
N ASN A 421 8.05 5.65 14.83
CA ASN A 421 8.26 5.23 13.46
C ASN A 421 7.00 4.67 12.81
N SER A 422 5.84 4.82 13.46
N SER A 422 5.83 4.83 13.44
CA SER A 422 4.60 4.27 12.91
CA SER A 422 4.61 4.26 12.89
C SER A 422 4.27 4.92 11.57
C SER A 422 4.18 4.95 11.61
N GLY A 423 4.51 6.22 11.46
CA GLY A 423 4.30 6.94 10.21
C GLY A 423 5.62 7.15 9.48
N MET A 424 5.54 7.45 8.19
CA MET A 424 6.72 7.74 7.38
C MET A 424 7.23 9.16 7.60
N ILE A 425 6.32 10.09 7.89
CA ILE A 425 6.65 11.50 8.05
C ILE A 425 6.16 11.92 9.43
N ASN A 426 7.07 12.41 10.27
CA ASN A 426 6.68 12.85 11.60
C ASN A 426 6.27 14.31 11.54
N LEU A 427 5.13 14.64 12.13
CA LEU A 427 4.69 16.00 12.34
C LEU A 427 4.87 16.31 13.82
N ILE A 428 5.51 17.42 14.11
CA ILE A 428 5.74 17.87 15.47
C ILE A 428 5.10 19.25 15.56
N ASN A 429 3.80 19.27 15.84
CA ASN A 429 2.98 20.46 15.67
C ASN A 429 3.26 21.03 14.29
N ASP A 430 3.73 22.29 14.19
CA ASP A 430 4.00 22.86 12.86
C ASP A 430 5.45 22.61 12.47
N GLU A 431 5.76 21.34 12.27
CA GLU A 431 7.09 20.92 11.89
C GLU A 431 6.96 19.61 11.13
N VAL A 432 7.74 19.45 10.07
CA VAL A 432 7.62 18.33 9.14
C VAL A 432 8.96 17.63 9.05
N ILE A 433 9.02 16.37 9.46
CA ILE A 433 10.26 15.60 9.41
C ILE A 433 10.05 14.31 8.60
N PRO A 434 10.35 14.31 7.31
CA PRO A 434 10.24 13.07 6.53
C PRO A 434 11.37 12.12 6.88
N SER A 435 11.02 10.88 7.21
CA SER A 435 12.05 9.92 7.60
C SER A 435 12.75 9.33 6.39
N LYS A 436 13.84 8.60 6.64
CA LYS A 436 14.50 7.91 5.55
C LYS A 436 13.64 6.76 5.03
N ARG A 437 12.66 6.29 5.82
CA ARG A 437 11.70 5.32 5.30
C ARG A 437 10.83 5.97 4.23
N PHE A 438 10.40 7.21 4.47
CA PHE A 438 9.69 7.96 3.44
C PHE A 438 10.54 8.08 2.17
N TRP A 439 11.79 8.50 2.31
CA TRP A 439 12.60 8.74 1.13
C TRP A 439 12.88 7.45 0.37
N SER A 440 12.98 6.31 1.06
CA SER A 440 13.13 5.03 0.37
C SER A 440 11.87 4.71 -0.44
N MET A 441 10.70 4.89 0.17
N MET A 441 10.69 4.91 0.15
CA MET A 441 9.44 4.75 -0.56
CA MET A 441 9.50 4.67 -0.67
C MET A 441 9.38 5.69 -1.75
C MET A 441 9.40 5.69 -1.81
N ALA A 442 9.81 6.95 -1.55
CA ALA A 442 9.75 7.95 -2.59
C ALA A 442 10.65 7.57 -3.77
N SER A 443 11.84 7.02 -3.48
CA SER A 443 12.73 6.62 -4.57
C SER A 443 12.05 5.63 -5.51
N PHE A 444 11.33 4.65 -4.94
CA PHE A 444 10.60 3.71 -5.76
C PHE A 444 9.40 4.38 -6.44
N SER A 445 8.59 5.08 -5.65
CA SER A 445 7.28 5.55 -6.14
C SER A 445 7.42 6.63 -7.20
N LYS A 446 8.43 7.49 -7.07
CA LYS A 446 8.56 8.61 -8.01
C LYS A 446 8.84 8.12 -9.42
N PHE A 447 9.49 6.97 -9.57
CA PHE A 447 9.95 6.53 -10.87
C PHE A 447 9.37 5.20 -11.33
N VAL A 448 8.74 4.44 -10.44
CA VAL A 448 8.06 3.20 -10.82
C VAL A 448 6.57 3.54 -10.79
N ARG A 449 6.05 3.94 -11.96
CA ARG A 449 4.72 4.49 -12.07
C ARG A 449 3.71 3.38 -12.34
N PRO A 450 2.43 3.65 -12.09
CA PRO A 450 1.41 2.61 -12.33
C PRO A 450 1.55 2.04 -13.73
N ASN A 451 1.34 0.72 -13.81
CA ASN A 451 1.33 -0.11 -15.02
C ASN A 451 2.74 -0.43 -15.47
N ALA A 452 3.77 -0.06 -14.72
CA ALA A 452 5.12 -0.53 -15.00
C ALA A 452 5.16 -2.04 -14.85
N GLN A 453 6.17 -2.65 -15.47
N GLN A 453 6.17 -2.65 -15.48
CA GLN A 453 6.37 -4.09 -15.38
CA GLN A 453 6.38 -4.08 -15.39
C GLN A 453 7.77 -4.36 -14.83
C GLN A 453 7.76 -4.34 -14.81
N ARG A 454 7.85 -5.25 -13.85
CA ARG A 454 9.15 -5.67 -13.35
C ARG A 454 9.86 -6.50 -14.41
N VAL A 455 11.16 -6.28 -14.57
CA VAL A 455 11.98 -7.02 -15.51
C VAL A 455 13.18 -7.60 -14.77
N LYS A 456 13.81 -8.58 -15.42
CA LYS A 456 14.93 -9.27 -14.81
C LYS A 456 16.10 -8.33 -14.55
N ALA A 457 16.67 -8.43 -13.35
CA ALA A 457 17.88 -7.69 -13.00
C ALA A 457 18.71 -8.55 -12.05
N THR A 458 19.98 -8.76 -12.39
CA THR A 458 20.86 -9.59 -11.58
C THR A 458 22.09 -8.80 -11.16
N SER A 459 22.71 -9.25 -10.07
CA SER A 459 23.92 -8.63 -9.56
C SER A 459 24.97 -9.71 -9.35
N SER A 460 26.22 -9.37 -9.68
CA SER A 460 27.31 -10.33 -9.56
C SER A 460 27.83 -10.48 -8.13
N ASP A 461 27.35 -9.68 -7.19
CA ASP A 461 27.88 -9.69 -5.83
C ASP A 461 26.76 -9.46 -4.82
N ALA A 462 26.77 -10.26 -3.75
CA ALA A 462 25.71 -10.21 -2.75
C ALA A 462 25.69 -8.90 -1.96
N SER A 463 26.74 -8.08 -2.01
CA SER A 463 26.73 -6.79 -1.33
C SER A 463 25.90 -5.74 -2.05
N VAL A 464 25.44 -6.04 -3.26
CA VAL A 464 24.69 -5.12 -4.12
C VAL A 464 23.45 -5.85 -4.59
N THR A 465 22.27 -5.35 -4.20
CA THR A 465 21.01 -5.99 -4.62
C THR A 465 20.25 -5.06 -5.55
N VAL A 466 19.58 -5.65 -6.55
CA VAL A 466 19.04 -4.86 -7.66
C VAL A 466 17.61 -5.26 -7.96
N SER A 467 16.86 -4.30 -8.49
CA SER A 467 15.51 -4.50 -9.02
C SER A 467 15.35 -3.57 -10.21
N ALA A 468 14.45 -3.91 -11.13
CA ALA A 468 14.29 -3.06 -12.30
C ALA A 468 12.87 -3.17 -12.85
N PHE A 469 12.39 -2.05 -13.39
CA PHE A 469 11.03 -1.92 -13.91
C PHE A 469 11.05 -1.11 -15.17
N GLU A 470 10.22 -1.49 -16.15
CA GLU A 470 10.01 -0.68 -17.35
C GLU A 470 8.62 -0.07 -17.30
N ASN A 471 8.55 1.25 -17.39
CA ASN A 471 7.28 1.95 -17.36
C ASN A 471 6.56 1.90 -18.71
N THR A 472 5.26 2.25 -18.66
CA THR A 472 4.44 2.39 -19.87
C THR A 472 5.12 3.27 -20.92
N ASN A 473 5.74 4.36 -20.49
CA ASN A 473 6.32 5.32 -21.43
C ASN A 473 7.76 5.00 -21.78
N GLY A 474 8.27 3.84 -21.39
CA GLY A 474 9.60 3.41 -21.76
C GLY A 474 10.69 3.72 -20.75
N VAL A 475 10.43 4.62 -19.79
CA VAL A 475 11.43 4.91 -18.76
C VAL A 475 11.71 3.64 -17.97
N VAL A 476 13.00 3.31 -17.81
CA VAL A 476 13.42 2.17 -17.01
C VAL A 476 13.97 2.71 -15.70
N ALA A 477 13.54 2.12 -14.58
CA ALA A 477 13.96 2.52 -13.25
C ALA A 477 14.60 1.32 -12.57
N ILE A 478 15.86 1.48 -12.18
CA ILE A 478 16.66 0.41 -11.61
C ILE A 478 17.06 0.85 -10.21
N GLN A 479 16.70 0.05 -9.20
CA GLN A 479 17.02 0.37 -7.81
C GLN A 479 18.16 -0.51 -7.33
N VAL A 480 19.18 0.11 -6.76
CA VAL A 480 20.40 -0.57 -6.35
C VAL A 480 20.66 -0.25 -4.88
N ILE A 481 20.68 -1.28 -4.03
CA ILE A 481 21.06 -1.10 -2.63
C ILE A 481 22.49 -1.59 -2.47
N ASN A 482 23.42 -0.69 -2.17
CA ASN A 482 24.80 -1.06 -1.87
C ASN A 482 24.95 -1.15 -0.35
N ASN A 483 25.10 -2.37 0.16
CA ASN A 483 25.30 -2.56 1.59
C ASN A 483 26.78 -2.78 1.92
N GLY A 484 27.67 -2.49 0.99
CA GLY A 484 29.09 -2.44 1.33
C GLY A 484 29.41 -1.24 2.21
N THR A 485 30.58 -1.31 2.86
CA THR A 485 31.07 -0.20 3.66
C THR A 485 31.87 0.81 2.84
N SER A 486 32.15 0.51 1.57
CA SER A 486 32.78 1.42 0.64
C SER A 486 31.89 1.60 -0.58
N ALA A 487 32.18 2.67 -1.34
CA ALA A 487 31.51 2.88 -2.62
C ALA A 487 31.74 1.69 -3.54
N ALA A 488 30.79 1.45 -4.44
CA ALA A 488 30.84 0.32 -5.36
C ALA A 488 30.81 0.83 -6.79
N SER A 489 31.74 0.37 -7.62
CA SER A 489 31.80 0.77 -9.02
C SER A 489 31.06 -0.28 -9.84
N LEU A 490 29.94 0.13 -10.43
CA LEU A 490 29.05 -0.79 -11.12
C LEU A 490 29.20 -0.67 -12.63
N THR A 491 29.15 -1.80 -13.30
CA THR A 491 28.90 -1.85 -14.73
C THR A 491 27.47 -2.35 -14.91
N ILE A 492 26.61 -1.51 -15.48
CA ILE A 492 25.19 -1.81 -15.63
C ILE A 492 24.90 -1.98 -17.12
N ASP A 493 24.52 -3.18 -17.51
CA ASP A 493 24.17 -3.49 -18.89
C ASP A 493 22.66 -3.61 -19.01
N LEU A 494 22.08 -2.88 -19.96
CA LEU A 494 20.63 -2.85 -20.18
C LEU A 494 20.14 -3.86 -21.20
N GLY A 495 21.04 -4.64 -21.81
CA GLY A 495 20.63 -5.63 -22.80
C GLY A 495 20.06 -5.00 -24.07
N LYS A 496 19.24 -5.79 -24.75
CA LYS A 496 18.60 -5.35 -25.99
C LYS A 496 17.37 -4.50 -25.69
N THR A 497 17.29 -3.34 -26.32
CA THR A 497 16.17 -2.44 -26.25
C THR A 497 15.77 -2.12 -27.67
N HIS A 498 14.55 -1.69 -27.90
CA HIS A 498 14.39 -1.40 -29.31
C HIS A 498 14.73 0.01 -29.70
N LYS A 499 15.20 0.84 -28.78
CA LYS A 499 15.81 2.11 -29.11
C LYS A 499 16.86 2.38 -28.06
N GLU A 500 18.10 2.52 -28.52
CA GLU A 500 19.27 2.67 -27.65
C GLU A 500 18.99 3.68 -26.54
N VAL A 501 19.37 3.32 -25.32
CA VAL A 501 19.32 4.27 -24.21
C VAL A 501 20.56 5.14 -24.30
N LYS A 502 20.38 6.46 -24.18
CA LYS A 502 21.51 7.38 -24.30
C LYS A 502 21.89 8.07 -23.01
N LYS A 503 20.95 8.26 -22.08
CA LYS A 503 21.22 8.94 -20.82
C LYS A 503 20.52 8.23 -19.68
N VAL A 504 21.12 8.32 -18.49
CA VAL A 504 20.54 7.77 -17.27
C VAL A 504 20.90 8.70 -16.12
N VAL A 505 20.00 8.87 -15.15
CA VAL A 505 20.18 9.82 -14.06
C VAL A 505 20.10 9.06 -12.74
N PRO A 506 21.10 9.16 -11.88
CA PRO A 506 21.00 8.54 -10.54
C PRO A 506 20.37 9.46 -9.52
N TRP A 507 19.58 8.86 -8.63
CA TRP A 507 18.94 9.54 -7.52
C TRP A 507 19.26 8.76 -6.25
N VAL A 508 19.92 9.39 -5.28
CA VAL A 508 20.55 8.66 -4.18
C VAL A 508 19.88 8.96 -2.86
N THR A 509 19.74 7.92 -2.02
CA THR A 509 19.21 7.99 -0.67
C THR A 509 20.20 7.30 0.27
N SER A 510 20.58 7.96 1.36
CA SER A 510 21.62 7.45 2.26
C SER A 510 21.53 8.22 3.57
N ASN A 511 22.51 8.01 4.46
CA ASN A 511 22.59 8.84 5.64
C ASN A 511 22.82 10.31 5.30
N ASP A 512 23.37 10.60 4.12
CA ASP A 512 23.71 11.96 3.75
C ASP A 512 22.72 12.59 2.78
N TYR A 513 21.89 11.80 2.11
CA TYR A 513 21.05 12.26 1.02
C TYR A 513 19.63 11.75 1.22
N ASP A 514 18.65 12.60 0.89
CA ASP A 514 17.23 12.19 0.95
C ASP A 514 16.83 11.54 -0.37
N LEU A 515 16.70 12.34 -1.43
CA LEU A 515 16.49 11.77 -2.77
C LEU A 515 17.17 12.73 -3.74
N GLU A 516 18.50 12.64 -3.79
CA GLU A 516 19.35 13.67 -4.39
C GLU A 516 19.70 13.29 -5.82
N GLU A 517 19.34 14.17 -6.76
CA GLU A 517 19.60 13.94 -8.17
C GLU A 517 21.07 14.20 -8.49
N MET A 518 21.74 13.21 -9.07
CA MET A 518 23.13 13.35 -9.47
C MET A 518 23.24 13.69 -10.95
N SER A 519 24.47 13.99 -11.38
CA SER A 519 24.68 14.34 -12.77
C SER A 519 24.31 13.16 -13.67
N GLU A 520 23.80 13.49 -14.86
CA GLU A 520 23.44 12.45 -15.82
C GLU A 520 24.68 11.69 -16.29
N ILE A 521 24.48 10.42 -16.61
CA ILE A 521 25.52 9.54 -17.11
C ILE A 521 25.19 9.17 -18.55
N ASP A 522 26.19 9.23 -19.43
CA ASP A 522 26.01 8.83 -20.80
C ASP A 522 26.03 7.31 -20.91
N VAL A 523 25.16 6.77 -21.75
CA VAL A 523 25.04 5.34 -21.98
C VAL A 523 25.56 5.05 -23.38
N LYS A 524 26.41 4.01 -23.48
CA LYS A 524 27.03 3.62 -24.74
C LYS A 524 26.76 2.16 -24.99
N HIS A 525 26.10 1.85 -26.10
CA HIS A 525 25.71 0.48 -26.44
C HIS A 525 24.96 -0.18 -25.29
N ASN A 526 24.04 0.58 -24.70
CA ASN A 526 23.14 0.09 -23.65
C ASN A 526 23.91 -0.41 -22.44
N SER A 527 25.02 0.26 -22.12
CA SER A 527 25.79 -0.05 -20.93
C SER A 527 26.34 1.25 -20.36
N PHE A 528 26.45 1.31 -19.04
CA PHE A 528 27.03 2.49 -18.41
C PHE A 528 27.69 2.10 -17.09
N LEU A 529 28.62 2.94 -16.67
CA LEU A 529 29.32 2.77 -15.41
C LEU A 529 28.83 3.81 -14.42
N ALA A 530 28.76 3.42 -13.15
CA ALA A 530 28.33 4.34 -12.11
C ALA A 530 28.88 3.85 -10.78
N SER A 531 29.29 4.81 -9.95
N SER A 531 29.30 4.80 -9.96
CA SER A 531 29.72 4.51 -8.58
CA SER A 531 29.71 4.52 -8.59
C SER A 531 28.58 4.88 -7.63
C SER A 531 28.55 4.86 -7.65
N VAL A 532 28.26 3.97 -6.72
CA VAL A 532 27.23 4.23 -5.71
C VAL A 532 27.87 4.25 -4.31
N PRO A 533 27.46 5.17 -3.44
CA PRO A 533 28.10 5.30 -2.12
C PRO A 533 27.85 4.08 -1.24
N ALA A 534 28.69 3.96 -0.21
CA ALA A 534 28.48 2.96 0.84
C ALA A 534 27.09 3.09 1.44
N ARG A 535 26.53 1.96 1.86
CA ARG A 535 25.25 1.90 2.60
C ARG A 535 24.20 2.84 2.02
N SER A 536 23.85 2.61 0.76
CA SER A 536 22.96 3.56 0.09
C SER A 536 21.97 2.85 -0.81
N LEU A 537 20.92 3.60 -1.16
CA LEU A 537 19.99 3.24 -2.22
C LEU A 537 20.15 4.24 -3.36
N THR A 538 20.25 3.73 -4.60
CA THR A 538 20.27 4.57 -5.78
C THR A 538 19.21 4.09 -6.77
N SER A 539 18.38 5.01 -7.25
CA SER A 539 17.50 4.75 -8.38
C SER A 539 18.14 5.34 -9.63
N PHE A 540 18.41 4.49 -10.61
CA PHE A 540 18.89 4.93 -11.93
C PHE A 540 17.70 4.99 -12.88
N VAL A 541 17.50 6.16 -13.48
CA VAL A 541 16.29 6.44 -14.25
C VAL A 541 16.72 6.82 -15.68
N THR A 542 16.35 5.99 -16.66
CA THR A 542 16.75 6.26 -18.03
C THR A 542 15.89 7.39 -18.63
N GLU A 543 16.43 8.05 -19.65
CA GLU A 543 15.72 9.12 -20.34
C GLU A 543 15.24 8.63 -21.70
N CYS A 544 14.03 9.03 -22.07
CA CYS A 544 13.46 8.69 -23.38
C CYS A 544 13.54 9.86 -24.35
C1 NAG B . -21.70 2.13 19.68
C2 NAG B . -22.83 1.21 20.16
C3 NAG B . -22.46 0.54 21.48
C4 NAG B . -21.07 -0.09 21.41
C5 NAG B . -20.04 0.90 20.84
C6 NAG B . -18.69 0.29 20.61
C7 NAG B . -25.09 1.83 19.44
C8 NAG B . -26.31 2.67 19.72
N2 NAG B . -24.08 1.95 20.30
O3 NAG B . -23.44 -0.44 21.80
O4 NAG B . -20.63 -0.43 22.71
O5 NAG B . -20.50 1.38 19.58
O6 NAG B . -18.78 -0.86 19.78
O7 NAG B . -25.03 1.08 18.46
C1 NAG B . -20.35 -1.82 22.88
C2 NAG B . -19.52 -1.96 24.15
C3 NAG B . -19.24 -3.42 24.48
C4 NAG B . -20.53 -4.23 24.49
C5 NAG B . -21.28 -4.02 23.18
C6 NAG B . -22.63 -4.71 23.15
C7 NAG B . -18.05 -0.03 24.59
C8 NAG B . -16.69 0.57 24.36
N2 NAG B . -18.26 -1.23 24.04
O3 NAG B . -18.64 -3.49 25.77
O4 NAG B . -20.21 -5.62 24.63
O5 NAG B . -21.54 -2.63 22.99
O6 NAG B . -23.51 -4.16 24.12
O7 NAG B . -18.92 0.54 25.24
C1 NAG C . 6.93 24.11 8.39
C2 NAG C . 7.08 25.08 9.55
C3 NAG C . 8.55 25.50 9.71
C4 NAG C . 9.45 24.28 9.82
C5 NAG C . 9.20 23.36 8.61
C6 NAG C . 9.98 22.07 8.61
C7 NAG C . 6.32 27.17 8.43
C8 NAG C . 5.30 28.26 8.48
N2 NAG C . 6.21 26.24 9.40
O3 NAG C . 8.69 26.33 10.85
O4 NAG C . 10.81 24.69 9.83
O5 NAG C . 7.81 23.00 8.57
O6 NAG C . 9.87 21.39 9.86
O7 NAG C . 7.19 27.11 7.56
C1 NAG C . 11.54 24.09 10.93
C2 NAG C . 13.01 24.35 10.67
C3 NAG C . 13.86 23.78 11.81
C4 NAG C . 13.36 24.24 13.16
C5 NAG C . 11.84 24.08 13.30
C6 NAG C . 11.31 24.76 14.53
C7 NAG C . 13.36 24.47 8.23
C8 NAG C . 13.83 23.74 7.02
N2 NAG C . 13.42 23.79 9.39
O3 NAG C . 15.20 24.23 11.61
O4 NAG C . 13.91 23.42 14.19
O5 NAG C . 11.17 24.67 12.18
O6 NAG C . 9.89 24.75 14.56
O7 NAG C . 12.92 25.61 8.18
C1 BMA C . 15.08 24.04 14.81
C2 BMA C . 15.12 23.64 16.30
C3 BMA C . 16.38 24.23 16.95
C4 BMA C . 17.64 23.82 16.16
C5 BMA C . 17.45 24.21 14.67
C6 BMA C . 18.59 23.80 13.76
O2 BMA C . 15.21 22.23 16.44
O3 BMA C . 16.52 23.89 18.34
O4 BMA C . 18.79 24.47 16.70
O5 BMA C . 16.24 23.60 14.15
O6 BMA C . 18.21 24.14 12.44
C1 MAN C . 19.36 24.05 11.56
C2 MAN C . 19.14 24.98 10.34
C3 MAN C . 18.11 24.43 9.37
C4 MAN C . 18.40 22.95 9.01
C5 MAN C . 18.61 22.09 10.27
C6 MAN C . 19.16 20.68 9.98
O2 MAN C . 20.36 25.09 9.57
O3 MAN C . 18.08 25.18 8.15
O4 MAN C . 17.31 22.44 8.26
O5 MAN C . 19.57 22.70 11.16
O6 MAN C . 19.28 20.46 8.56
C1 MAN C . 16.89 25.99 8.00
C2 MAN C . 16.82 26.45 6.52
C3 MAN C . 17.99 27.40 6.24
C4 MAN C . 18.03 28.57 7.25
C5 MAN C . 18.03 28.01 8.70
C6 MAN C . 17.95 29.09 9.78
O2 MAN C . 15.65 27.22 6.28
O3 MAN C . 17.93 27.92 4.90
O4 MAN C . 19.20 29.33 7.04
O5 MAN C . 16.89 27.10 8.87
O6 MAN C . 16.77 29.89 9.58
C1 NAG D . 23.56 -4.70 5.67
C2 NAG D . 22.32 -5.50 6.02
C3 NAG D . 22.04 -5.42 7.52
C4 NAG D . 23.30 -5.71 8.34
C5 NAG D . 24.55 -5.02 7.81
C6 NAG D . 25.81 -5.57 8.44
C7 NAG D . 20.67 -5.67 4.20
C8 NAG D . 19.47 -5.05 3.54
N2 NAG D . 21.18 -5.02 5.25
O3 NAG D . 21.03 -6.37 7.82
O4 NAG D . 23.14 -5.17 9.65
O5 NAG D . 24.67 -5.22 6.40
O6 NAG D . 26.97 -4.80 8.09
O7 NAG D . 21.16 -6.73 3.81
C1 NAG D . 22.57 -6.02 10.63
C2 NAG D . 22.96 -5.46 12.00
C3 NAG D . 22.18 -6.13 13.14
C4 NAG D . 20.69 -6.20 12.83
C5 NAG D . 20.49 -6.82 11.45
C6 NAG D . 19.04 -6.90 11.00
C7 NAG D . 25.26 -4.58 12.22
C8 NAG D . 26.70 -4.94 12.49
N2 NAG D . 24.40 -5.60 12.22
O3 NAG D . 22.42 -5.40 14.34
O4 NAG D . 20.03 -7.01 13.79
O5 NAG D . 21.17 -6.01 10.49
O6 NAG D . 18.94 -7.47 9.71
O7 NAG D . 24.91 -3.42 12.01
C1 BMA D . 18.91 -6.30 14.33
C2 BMA D . 18.08 -7.28 15.18
C3 BMA D . 16.95 -6.52 15.87
C4 BMA D . 17.48 -5.26 16.57
C5 BMA D . 18.27 -4.42 15.58
C6 BMA D . 18.82 -3.15 16.17
O2 BMA D . 18.91 -7.89 16.19
O3 BMA D . 16.24 -7.33 16.80
O4 BMA D . 16.40 -4.48 17.06
O5 BMA D . 19.36 -5.23 15.11
O6 BMA D . 19.68 -3.48 17.24
C1 MAN D . 14.98 -7.72 16.25
C2 MAN D . 14.10 -8.09 17.44
C3 MAN D . 14.72 -9.29 18.13
C4 MAN D . 14.87 -10.46 17.16
C5 MAN D . 15.77 -10.00 15.99
C6 MAN D . 16.00 -11.08 14.91
O2 MAN D . 12.81 -8.53 16.99
O3 MAN D . 14.02 -9.70 19.29
O4 MAN D . 15.46 -11.57 17.83
O5 MAN D . 15.16 -8.82 15.37
O6 MAN D . 14.77 -11.38 14.28
C1 MAN D . 20.19 -2.23 17.79
C2 MAN D . 21.70 -2.44 18.13
C3 MAN D . 21.83 -3.44 19.30
C4 MAN D . 20.88 -3.09 20.45
C5 MAN D . 19.45 -2.94 19.90
C6 MAN D . 18.43 -2.67 20.96
O2 MAN D . 22.35 -1.21 18.56
O3 MAN D . 23.19 -3.53 19.79
O4 MAN D . 20.87 -4.16 21.44
O5 MAN D . 19.44 -1.88 18.90
O6 MAN D . 18.13 -3.93 21.55
O1 XYP E . -1.52 -4.71 12.33
C1 XYP E . -1.73 -3.37 12.34
C2 XYP E . -3.22 -2.99 12.19
C3 XYP E . -3.43 -1.53 12.47
C4 XYP E . -2.81 -1.11 13.77
C5 XYP E . -1.31 -1.44 13.81
O2 XYP E . -3.79 -3.32 10.88
O3 XYP E . -4.87 -1.31 12.51
O4 XYP E . -2.94 0.30 13.99
O5 XYP E . -1.17 -2.90 13.64
C1 XYP E . -3.59 0.65 15.15
C2 XYP E . -3.29 2.02 15.73
C3 XYP E . -4.34 2.43 16.71
C4 XYP E . -5.75 2.30 16.22
C5 XYP E . -5.98 0.96 15.53
O2 XYP E . -2.05 1.97 16.44
O3 XYP E . -4.09 3.81 17.08
O4 XYP E . -6.67 2.37 17.32
O5 XYP E . -4.93 0.67 14.53
C7 GCV E . 1.54 6.47 17.09
C1 GCV E . -0.88 2.04 15.61
C2 GCV E . 0.32 2.00 16.53
C3 GCV E . 0.30 3.24 17.36
C4 GCV E . 0.38 4.46 16.49
C5 GCV E . -0.81 4.50 15.53
C6 GCV E . -0.66 5.60 14.54
O2 GCV E . 0.17 0.84 17.36
O3 GCV E . 1.50 3.15 18.19
O4 GCV E . 0.38 5.66 17.27
O5 GCV E . -0.80 3.26 14.74
O6A GCV E . -1.47 6.57 14.52
O6B GCV E . 0.29 5.52 13.74
C1 NAG F . 3.37 -13.22 -9.89
C2 NAG F . 3.13 -14.69 -10.21
C3 NAG F . 2.38 -14.82 -11.54
C4 NAG F . 1.11 -13.96 -11.53
C5 NAG F . 1.48 -12.54 -11.12
C6 NAG F . 0.28 -11.63 -10.96
C7 NAG F . 4.68 -16.39 -9.39
C8 NAG F . 6.05 -17.02 -9.54
N2 NAG F . 4.39 -15.41 -10.25
O3 NAG F . 2.04 -16.19 -11.75
O4 NAG F . 0.55 -13.88 -12.84
O5 NAG F . 2.15 -12.54 -9.85
O6 NAG F . 0.70 -10.27 -10.76
O7 NAG F . 3.89 -16.76 -8.52
C1 NAG F . -0.47 -14.84 -13.13
C2 NAG F . -1.49 -14.20 -14.06
C3 NAG F . -2.55 -15.21 -14.50
C4 NAG F . -1.94 -16.51 -14.98
C5 NAG F . -0.85 -17.02 -14.05
C6 NAG F . -0.05 -18.16 -14.63
C7 NAG F . -1.95 -11.80 -13.86
C8 NAG F . -2.70 -10.74 -13.11
N2 NAG F . -2.12 -13.05 -13.44
O3 NAG F . -3.30 -14.64 -15.56
O4 NAG F . -2.96 -17.50 -14.98
O5 NAG F . 0.10 -15.97 -13.76
O6 NAG F . 0.30 -19.10 -13.63
O7 NAG F . -1.21 -11.53 -14.81
C1 BMA F . -3.38 -17.90 -16.31
C2 BMA F . -3.89 -19.34 -16.16
C3 BMA F . -4.42 -19.85 -17.49
C4 BMA F . -5.49 -18.89 -18.03
C5 BMA F . -4.89 -17.46 -18.14
C6 BMA F . -5.93 -16.44 -18.61
O2 BMA F . -4.99 -19.35 -15.24
O3 BMA F . -4.95 -21.18 -17.40
O4 BMA F . -5.93 -19.33 -19.31
O5 BMA F . -4.39 -17.05 -16.84
O6 BMA F . -5.49 -15.14 -18.21
C1 NAG G . 1.59 16.25 18.79
C2 NAG G . 1.28 15.54 20.11
C3 NAG G . 1.86 16.32 21.29
C4 NAG G . 3.34 16.55 21.08
C5 NAG G . 3.57 17.23 19.73
C6 NAG G . 5.03 17.39 19.39
C7 NAG G . -0.78 14.21 19.92
C8 NAG G . -2.23 14.12 20.25
N2 NAG G . -0.16 15.33 20.30
O3 NAG G . 1.66 15.57 22.49
O4 NAG G . 3.82 17.41 22.13
O5 NAG G . 3.00 16.42 18.68
O6 NAG G . 5.71 16.14 19.39
O7 NAG G . -0.18 13.31 19.35
C1 NAG G . 4.98 16.88 22.80
C2 NAG G . 5.50 17.97 23.71
C3 NAG G . 6.79 17.50 24.38
C4 NAG G . 6.54 16.21 25.14
C5 NAG G . 5.86 15.16 24.25
C6 NAG G . 5.38 13.96 25.04
C7 NAG G . 4.81 20.21 22.97
C8 NAG G . 5.19 21.42 22.18
N2 NAG G . 5.72 19.23 22.99
O3 NAG G . 7.26 18.51 25.27
O4 NAG G . 7.78 15.68 25.59
O5 NAG G . 4.70 15.70 23.58
O6 NAG G . 4.71 13.01 24.21
O7 NAG G . 3.73 20.11 23.54
#